data_4MIJ
#
_entry.id   4MIJ
#
_cell.length_a   45.534
_cell.length_b   46.140
_cell.length_c   63.897
_cell.angle_alpha   90.00
_cell.angle_beta   97.56
_cell.angle_gamma   90.00
#
_symmetry.space_group_name_H-M   'P 1 21 1'
#
loop_
_entity.id
_entity.type
_entity.pdbx_description
1 polymer 'TRAP dicarboxylate transporter, DctP subunit'
2 non-polymer 'CHLORIDE ION'
3 non-polymer 1,2-ETHANEDIOL
4 non-polymer 'beta-D-galactopyranuronic acid'
5 non-polymer 'alpha-D-galactopyranuronic acid'
6 water water
#
_entity_poly.entity_id   1
_entity_poly.type   'polypeptide(L)'
_entity_poly.pdbx_seq_one_letter_code
;MTNRTPRISAIRSAALAALLAGLGMGAAQATEFRSADTHNADDYPTVAAVKYMGELLEKKSGGKHKIKVFNKQALGSEKE
TIDQVKIGALDFTRVNVGPMNAICPLTQVPTMPFLFSSIAHMRKSLDGPVGDEILKSCESAGFIGLAFYDSGARSIYAKK
PIRTVADAKGLKIRVQQSDLWVALVSAMGANATPMPYGEVYTGLKTGLIDAAENNIPSFDTAKHVEAVKVYSKTEHSMAP
EILVMSKIIYDKLPKAEQDMIRAAAKESVAFERQKWDEQEAKSLANVKAAGAEIVEVDKKSFQAVMGPVYDKFMTTPDMK
RLVKAVQDTKAENLYFG
;
_entity_poly.pdbx_strand_id   A
#
loop_
_chem_comp.id
_chem_comp.type
_chem_comp.name
_chem_comp.formula
ADA D-saccharide, alpha linking 'alpha-D-galactopyranuronic acid' 'C6 H10 O7'
CL non-polymer 'CHLORIDE ION' 'Cl -1'
EDO non-polymer 1,2-ETHANEDIOL 'C2 H6 O2'
GTR D-saccharide, beta linking 'beta-D-galactopyranuronic acid' 'C6 H10 O7'
#
# COMPACT_ATOMS: atom_id res chain seq x y z
N THR A 31 -6.23 -23.75 14.36
CA THR A 31 -5.92 -22.68 15.31
C THR A 31 -6.63 -21.41 14.88
N GLU A 32 -6.66 -20.42 15.77
CA GLU A 32 -7.20 -19.11 15.47
C GLU A 32 -6.04 -18.15 15.31
N PHE A 33 -5.71 -17.87 14.05
CA PHE A 33 -4.66 -16.92 13.74
C PHE A 33 -5.15 -15.49 13.97
N ARG A 34 -4.21 -14.59 14.20
CA ARG A 34 -4.50 -13.17 14.33
C ARG A 34 -3.88 -12.40 13.18
N SER A 35 -4.60 -11.42 12.66
CA SER A 35 -4.07 -10.56 11.61
C SER A 35 -4.38 -9.10 11.94
N ALA A 36 -3.47 -8.19 11.60
CA ALA A 36 -3.59 -6.76 11.91
C ALA A 36 -3.89 -5.92 10.67
N ASP A 37 -4.63 -4.84 10.89
CA ASP A 37 -4.86 -3.81 9.86
C ASP A 37 -5.00 -2.47 10.54
N THR A 38 -4.39 -1.45 9.97
CA THR A 38 -4.43 -0.11 10.54
C THR A 38 -5.77 0.59 10.33
N HIS A 39 -6.54 0.23 9.31
CA HIS A 39 -7.73 1.03 8.96
C HIS A 39 -8.83 0.89 9.99
N ASN A 40 -9.51 1.99 10.26
CA ASN A 40 -10.55 2.01 11.28
C ASN A 40 -11.84 1.36 10.83
N ALA A 41 -12.19 1.44 9.55
CA ALA A 41 -13.48 0.97 9.10
C ALA A 41 -13.54 -0.55 9.10
N ASP A 42 -14.58 -1.12 9.70
CA ASP A 42 -14.72 -2.56 9.79
C ASP A 42 -14.98 -3.20 8.42
N ASP A 43 -15.46 -2.41 7.46
CA ASP A 43 -15.70 -2.85 6.10
C ASP A 43 -14.68 -2.30 5.11
N TYR A 44 -13.54 -1.83 5.57
CA TYR A 44 -12.54 -1.35 4.63
C TYR A 44 -12.14 -2.52 3.73
N PRO A 45 -11.86 -2.28 2.44
CA PRO A 45 -11.64 -3.44 1.58
C PRO A 45 -10.54 -4.41 2.03
N THR A 46 -9.46 -3.91 2.61
CA THR A 46 -8.40 -4.81 3.06
C THR A 46 -8.81 -5.67 4.25
N VAL A 47 -9.65 -5.10 5.12
CA VAL A 47 -10.18 -5.78 6.29
C VAL A 47 -11.17 -6.85 5.82
N ALA A 48 -12.10 -6.47 4.96
CA ALA A 48 -13.04 -7.41 4.38
C ALA A 48 -12.29 -8.55 3.68
N ALA A 49 -11.21 -8.23 2.98
CA ALA A 49 -10.49 -9.25 2.23
C ALA A 49 -9.83 -10.30 3.10
N VAL A 50 -9.21 -9.88 4.21
CA VAL A 50 -8.60 -10.88 5.08
C VAL A 50 -9.67 -11.67 5.82
N LYS A 51 -10.80 -11.05 6.15
CA LYS A 51 -11.91 -11.81 6.70
C LYS A 51 -12.38 -12.88 5.70
N TYR A 52 -12.46 -12.52 4.42
CA TYR A 52 -12.82 -13.47 3.38
C TYR A 52 -11.78 -14.59 3.27
N MET A 53 -10.51 -14.22 3.31
CA MET A 53 -9.45 -15.22 3.36
C MET A 53 -9.69 -16.20 4.51
N GLY A 54 -10.06 -15.68 5.68
CA GLY A 54 -10.32 -16.52 6.83
C GLY A 54 -11.44 -17.50 6.55
N GLU A 55 -12.50 -17.03 5.92
CA GLU A 55 -13.61 -17.92 5.55
C GLU A 55 -13.14 -19.01 4.60
N LEU A 56 -12.33 -18.65 3.62
CA LEU A 56 -11.79 -19.65 2.71
C LEU A 56 -10.91 -20.65 3.45
N LEU A 57 -10.09 -20.16 4.38
CA LEU A 57 -9.19 -21.03 5.13
C LEU A 57 -9.99 -22.01 6.01
N GLU A 58 -11.07 -21.53 6.62
CA GLU A 58 -11.95 -22.41 7.38
C GLU A 58 -12.43 -23.54 6.47
N LYS A 59 -12.89 -23.18 5.27
CA LYS A 59 -13.41 -24.17 4.35
C LYS A 59 -12.33 -25.16 3.91
N LYS A 60 -11.20 -24.65 3.50
CA LYS A 60 -10.13 -25.51 3.00
C LYS A 60 -9.59 -26.44 4.08
N SER A 61 -9.63 -25.99 5.34
CA SER A 61 -9.07 -26.75 6.45
C SER A 61 -10.12 -27.57 7.21
N GLY A 62 -11.33 -27.63 6.67
CA GLY A 62 -12.40 -28.38 7.30
C GLY A 62 -12.78 -27.85 8.67
N GLY A 63 -12.59 -26.56 8.89
CA GLY A 63 -12.96 -25.92 10.14
C GLY A 63 -11.84 -25.84 11.15
N LYS A 64 -10.64 -26.32 10.80
CA LYS A 64 -9.52 -26.34 11.75
C LYS A 64 -8.97 -24.94 12.00
N HIS A 65 -8.77 -24.17 10.92
CA HIS A 65 -8.09 -22.89 11.01
C HIS A 65 -9.03 -21.75 10.70
N LYS A 66 -8.83 -20.66 11.42
CA LYS A 66 -9.63 -19.43 11.34
C LYS A 66 -8.68 -18.24 11.42
N ILE A 67 -9.13 -17.07 10.98
CA ILE A 67 -8.37 -15.84 11.16
C ILE A 67 -9.26 -14.80 11.82
N LYS A 68 -8.74 -14.15 12.86
CA LYS A 68 -9.42 -13.02 13.48
C LYS A 68 -8.66 -11.77 13.07
N VAL A 69 -9.38 -10.79 12.54
CA VAL A 69 -8.76 -9.58 12.01
C VAL A 69 -8.94 -8.43 13.00
N PHE A 70 -7.81 -7.88 13.46
CA PHE A 70 -7.79 -6.77 14.38
C PHE A 70 -7.49 -5.51 13.59
N ASN A 71 -8.53 -4.79 13.20
CA ASN A 71 -8.33 -3.51 12.55
C ASN A 71 -8.23 -2.40 13.60
N LYS A 72 -8.39 -1.15 13.19
CA LYS A 72 -8.29 -0.01 14.09
C LYS A 72 -6.90 0.14 14.72
N GLN A 73 -5.89 -0.40 14.06
CA GLN A 73 -4.53 -0.47 14.59
C GLN A 73 -4.46 -0.97 16.05
N ALA A 74 -5.38 -1.88 16.42
CA ALA A 74 -5.42 -2.39 17.79
C ALA A 74 -4.14 -3.12 18.19
N LEU A 75 -3.46 -3.72 17.24
CA LEU A 75 -2.24 -4.46 17.53
C LEU A 75 -0.98 -3.65 17.25
N GLY A 76 -1.14 -2.39 16.90
CA GLY A 76 -0.03 -1.48 16.70
C GLY A 76 -0.07 -0.77 15.36
N SER A 77 0.86 0.14 15.17
CA SER A 77 1.04 0.77 13.87
C SER A 77 1.55 -0.26 12.87
N GLU A 78 1.55 0.10 11.59
CA GLU A 78 2.07 -0.81 10.59
C GLU A 78 3.48 -1.27 10.96
N LYS A 79 4.36 -0.33 11.27
CA LYS A 79 5.73 -0.66 11.64
C LYS A 79 5.76 -1.64 12.81
N GLU A 80 4.97 -1.37 13.84
CA GLU A 80 4.96 -2.23 15.00
C GLU A 80 4.47 -3.63 14.66
N THR A 81 3.43 -3.72 13.83
CA THR A 81 2.91 -5.04 13.52
C THR A 81 3.87 -5.85 12.65
N ILE A 82 4.63 -5.17 11.79
CA ILE A 82 5.64 -5.85 11.01
C ILE A 82 6.66 -6.52 11.93
N ASP A 83 7.10 -5.79 12.95
CA ASP A 83 8.06 -6.35 13.90
C ASP A 83 7.45 -7.51 14.70
N GLN A 84 6.18 -7.39 15.07
CA GLN A 84 5.52 -8.47 15.80
C GLN A 84 5.38 -9.74 14.96
N VAL A 85 5.15 -9.58 13.67
CA VAL A 85 5.11 -10.71 12.76
C VAL A 85 6.50 -11.31 12.65
N LYS A 86 7.52 -10.47 12.54
CA LYS A 86 8.87 -10.95 12.40
C LYS A 86 9.28 -11.88 13.53
N ILE A 87 8.89 -11.54 14.76
CA ILE A 87 9.26 -12.35 15.92
C ILE A 87 8.26 -13.46 16.24
N GLY A 88 7.23 -13.61 15.42
CA GLY A 88 6.27 -14.69 15.59
C GLY A 88 5.20 -14.46 16.63
N ALA A 89 5.09 -13.24 17.13
CA ALA A 89 4.06 -12.89 18.09
C ALA A 89 2.71 -12.59 17.44
N LEU A 90 2.75 -12.27 16.15
CA LEU A 90 1.57 -11.96 15.38
C LEU A 90 1.62 -12.82 14.12
N ASP A 91 0.52 -13.48 13.76
CA ASP A 91 0.57 -14.42 12.65
C ASP A 91 0.62 -13.73 11.31
N PHE A 92 -0.18 -12.70 11.13
CA PHE A 92 -0.28 -12.01 9.84
C PHE A 92 -0.35 -10.51 10.06
N THR A 93 0.15 -9.74 9.09
CA THR A 93 -0.22 -8.35 9.03
C THR A 93 -0.47 -7.94 7.58
N ARG A 94 -1.48 -7.09 7.40
CA ARG A 94 -1.83 -6.52 6.11
C ARG A 94 -1.36 -5.07 6.17
N VAL A 95 -0.28 -4.77 5.45
CA VAL A 95 0.30 -3.43 5.46
C VAL A 95 0.48 -2.95 4.02
N ASN A 96 0.87 -1.70 3.83
CA ASN A 96 1.29 -1.27 2.49
C ASN A 96 2.73 -1.69 2.26
N VAL A 97 3.14 -1.77 0.99
CA VAL A 97 4.55 -2.02 0.75
C VAL A 97 5.49 -0.95 1.30
N GLY A 98 5.03 0.30 1.42
CA GLY A 98 5.89 1.37 1.86
C GLY A 98 6.71 1.04 3.11
N PRO A 99 6.04 0.72 4.23
CA PRO A 99 6.78 0.39 5.46
C PRO A 99 7.53 -0.92 5.41
N MET A 100 7.37 -1.70 4.34
CA MET A 100 8.18 -2.90 4.12
C MET A 100 9.43 -2.61 3.27
N ASN A 101 9.60 -1.38 2.82
CA ASN A 101 10.63 -1.09 1.83
C ASN A 101 12.04 -1.42 2.32
N ALA A 102 12.34 -1.21 3.60
CA ALA A 102 13.68 -1.50 4.12
C ALA A 102 13.85 -2.98 4.42
N ILE A 103 12.83 -3.61 4.98
CA ILE A 103 13.01 -4.96 5.50
C ILE A 103 12.87 -6.03 4.40
N CYS A 104 12.08 -5.74 3.37
CA CYS A 104 11.95 -6.62 2.20
C CYS A 104 12.17 -5.76 0.97
N PRO A 105 13.44 -5.57 0.58
CA PRO A 105 13.72 -4.50 -0.38
C PRO A 105 13.05 -4.63 -1.74
N LEU A 106 12.73 -5.83 -2.21
CA LEU A 106 12.07 -5.91 -3.50
C LEU A 106 10.67 -5.31 -3.46
N THR A 107 10.09 -5.08 -2.28
CA THR A 107 8.83 -4.34 -2.23
C THR A 107 8.99 -2.92 -2.72
N GLN A 108 10.22 -2.41 -2.81
CA GLN A 108 10.46 -1.10 -3.40
C GLN A 108 10.06 -1.07 -4.87
N VAL A 109 10.19 -2.19 -5.56
CA VAL A 109 9.90 -2.21 -7.00
C VAL A 109 8.49 -1.68 -7.30
N PRO A 110 7.43 -2.30 -6.75
CA PRO A 110 6.08 -1.80 -7.07
C PRO A 110 5.72 -0.49 -6.37
N THR A 111 6.59 0.01 -5.50
CA THR A 111 6.43 1.34 -4.89
C THR A 111 6.85 2.45 -5.87
N MET A 112 7.71 2.10 -6.82
CA MET A 112 8.39 3.12 -7.61
C MET A 112 7.43 4.04 -8.36
N PRO A 113 7.81 5.31 -8.47
CA PRO A 113 6.89 6.28 -9.06
C PRO A 113 6.73 6.07 -10.56
N PHE A 114 5.48 6.06 -11.00
CA PHE A 114 5.13 5.94 -12.41
C PHE A 114 5.69 4.67 -13.04
N LEU A 115 5.83 3.60 -12.27
CA LEU A 115 6.29 2.33 -12.82
C LEU A 115 5.22 1.71 -13.73
N PHE A 116 4.01 1.64 -13.20
CA PHE A 116 2.87 1.02 -13.92
C PHE A 116 2.13 2.07 -14.75
N SER A 117 1.54 1.68 -15.87
CA SER A 117 0.88 2.63 -16.74
C SER A 117 -0.60 2.77 -16.38
N SER A 118 -1.12 1.83 -15.60
CA SER A 118 -2.54 1.78 -15.30
C SER A 118 -2.76 0.77 -14.19
N ILE A 119 -3.92 0.82 -13.57
CA ILE A 119 -4.29 -0.19 -12.59
C ILE A 119 -4.31 -1.59 -13.25
N ALA A 120 -4.78 -1.72 -14.48
CA ALA A 120 -4.76 -3.01 -15.16
C ALA A 120 -3.33 -3.58 -15.28
N HIS A 121 -2.39 -2.71 -15.63
CA HIS A 121 -1.00 -3.10 -15.74
C HIS A 121 -0.45 -3.53 -14.39
N MET A 122 -0.75 -2.77 -13.35
N MET A 122 -0.78 -2.77 -13.36
CA MET A 122 -0.34 -3.16 -12.01
CA MET A 122 -0.39 -3.10 -12.00
C MET A 122 -0.88 -4.54 -11.66
C MET A 122 -0.89 -4.49 -11.59
N ARG A 123 -2.16 -4.76 -11.87
CA ARG A 123 -2.75 -6.04 -11.49
C ARG A 123 -2.10 -7.20 -12.24
N LYS A 124 -1.89 -7.04 -13.53
CA LYS A 124 -1.28 -8.12 -14.31
C LYS A 124 0.14 -8.38 -13.81
N SER A 125 0.88 -7.32 -13.53
CA SER A 125 2.25 -7.46 -13.07
C SER A 125 2.31 -8.14 -11.71
N LEU A 126 1.48 -7.70 -10.78
CA LEU A 126 1.52 -8.26 -9.44
C LEU A 126 1.00 -9.69 -9.40
N ASP A 127 0.06 -10.04 -10.28
CA ASP A 127 -0.48 -11.39 -10.30
C ASP A 127 0.47 -12.40 -10.92
N GLY A 128 1.38 -11.92 -11.77
CA GLY A 128 2.28 -12.79 -12.49
C GLY A 128 3.62 -13.00 -11.82
N PRO A 129 4.62 -13.41 -12.60
CA PRO A 129 5.91 -13.79 -12.02
C PRO A 129 6.62 -12.67 -11.25
N VAL A 130 6.42 -11.41 -11.63
CA VAL A 130 7.05 -10.32 -10.91
C VAL A 130 6.53 -10.31 -9.47
N GLY A 131 5.21 -10.24 -9.31
CA GLY A 131 4.65 -10.19 -7.97
C GLY A 131 5.03 -11.43 -7.17
N ASP A 132 4.96 -12.60 -7.78
N ASP A 132 4.98 -12.58 -7.81
CA ASP A 132 5.21 -13.82 -7.02
CA ASP A 132 5.26 -13.83 -7.12
C ASP A 132 6.67 -13.87 -6.55
C ASP A 132 6.67 -13.83 -6.56
N GLU A 133 7.61 -13.39 -7.36
CA GLU A 133 9.00 -13.39 -6.94
C GLU A 133 9.20 -12.41 -5.78
N ILE A 134 8.57 -11.24 -5.86
CA ILE A 134 8.69 -10.28 -4.77
C ILE A 134 8.15 -10.90 -3.48
N LEU A 135 6.97 -11.52 -3.54
CA LEU A 135 6.42 -12.15 -2.34
C LEU A 135 7.39 -13.17 -1.75
N LYS A 136 7.96 -14.02 -2.59
CA LYS A 136 8.87 -15.05 -2.11
C LYS A 136 10.14 -14.48 -1.50
N SER A 137 10.55 -13.32 -1.97
CA SER A 137 11.80 -12.72 -1.54
C SER A 137 11.77 -12.27 -0.09
N CYS A 138 10.59 -12.06 0.47
CA CYS A 138 10.51 -11.55 1.83
C CYS A 138 10.83 -12.64 2.86
N GLU A 139 10.88 -13.90 2.44
CA GLU A 139 11.14 -14.98 3.38
C GLU A 139 12.52 -14.83 4.02
N SER A 140 13.48 -14.25 3.31
CA SER A 140 14.82 -14.07 3.82
C SER A 140 14.83 -13.18 5.06
N ALA A 141 13.80 -12.36 5.20
CA ALA A 141 13.68 -11.42 6.32
C ALA A 141 12.71 -11.88 7.39
N GLY A 142 12.10 -13.07 7.22
CA GLY A 142 11.21 -13.61 8.24
C GLY A 142 9.73 -13.52 7.91
N PHE A 143 9.39 -13.22 6.65
CA PHE A 143 8.01 -12.99 6.25
C PHE A 143 7.63 -13.87 5.07
N ILE A 144 6.49 -14.53 5.18
CA ILE A 144 5.96 -15.27 4.05
C ILE A 144 5.01 -14.33 3.31
N GLY A 145 5.41 -13.88 2.13
CA GLY A 145 4.57 -13.01 1.33
C GLY A 145 3.43 -13.82 0.71
N LEU A 146 2.20 -13.40 0.94
CA LEU A 146 1.05 -14.21 0.54
C LEU A 146 0.20 -13.61 -0.57
N ALA A 147 0.08 -12.30 -0.60
CA ALA A 147 -0.79 -11.66 -1.58
C ALA A 147 -0.49 -10.19 -1.67
N PHE A 148 -0.72 -9.64 -2.85
CA PHE A 148 -0.84 -8.19 -3.02
C PHE A 148 -2.29 -7.79 -3.15
N TYR A 149 -2.69 -6.75 -2.43
CA TYR A 149 -4.02 -6.17 -2.56
C TYR A 149 -3.94 -4.78 -3.18
N ASP A 150 -4.97 -4.44 -3.95
CA ASP A 150 -5.03 -3.12 -4.57
C ASP A 150 -5.16 -2.01 -3.53
N SER A 151 -4.47 -0.92 -3.83
CA SER A 151 -4.52 0.32 -3.08
C SER A 151 -4.64 1.52 -4.04
N GLY A 152 -5.13 1.31 -5.25
CA GLY A 152 -5.28 2.43 -6.17
C GLY A 152 -3.97 3.13 -6.45
N ALA A 153 -4.09 4.41 -6.81
CA ALA A 153 -2.97 5.29 -7.04
C ALA A 153 -2.95 6.37 -5.97
N ARG A 154 -1.76 6.74 -5.52
CA ARG A 154 -1.59 7.76 -4.50
C ARG A 154 -1.37 9.12 -5.15
N SER A 155 -2.03 10.14 -4.62
CA SER A 155 -1.96 11.51 -5.10
C SER A 155 -1.87 12.48 -3.94
N ILE A 156 -1.30 13.65 -4.19
CA ILE A 156 -1.15 14.67 -3.16
C ILE A 156 -2.48 15.31 -2.81
N TYR A 157 -2.72 15.49 -1.52
CA TYR A 157 -3.78 16.38 -1.06
C TYR A 157 -3.22 17.43 -0.11
N ALA A 158 -3.77 18.63 -0.26
CA ALA A 158 -3.20 19.82 0.36
C ALA A 158 -4.25 20.92 0.39
N LYS A 159 -3.84 22.11 0.82
CA LYS A 159 -4.76 23.22 0.97
C LYS A 159 -4.74 24.09 -0.27
N LYS A 160 -3.96 23.67 -1.26
CA LYS A 160 -3.84 24.39 -2.52
C LYS A 160 -3.60 23.35 -3.62
N PRO A 161 -3.92 23.68 -4.88
CA PRO A 161 -3.66 22.75 -5.99
C PRO A 161 -2.16 22.60 -6.28
N ILE A 162 -1.75 21.38 -6.63
CA ILE A 162 -0.37 21.08 -6.99
C ILE A 162 -0.40 20.56 -8.43
N ARG A 163 -0.38 21.48 -9.40
CA ARG A 163 -0.61 21.11 -10.80
C ARG A 163 0.66 20.78 -11.56
N THR A 164 1.77 21.28 -11.05
CA THR A 164 3.08 21.00 -11.61
C THR A 164 4.03 20.84 -10.47
N VAL A 165 5.18 20.28 -10.77
CA VAL A 165 6.17 20.02 -9.78
C VAL A 165 6.65 21.33 -9.14
N ALA A 166 6.64 22.43 -9.89
CA ALA A 166 6.95 23.73 -9.28
C ALA A 166 6.01 24.07 -8.11
N ASP A 167 4.74 23.68 -8.20
CA ASP A 167 3.80 23.96 -7.12
C ASP A 167 4.15 23.17 -5.86
N ALA A 168 4.86 22.06 -6.01
CA ALA A 168 5.22 21.20 -4.89
C ALA A 168 6.45 21.71 -4.12
N LYS A 169 7.19 22.63 -4.71
CA LYS A 169 8.44 23.06 -4.10
C LYS A 169 8.20 23.58 -2.68
N GLY A 170 8.90 22.99 -1.72
CA GLY A 170 8.78 23.40 -0.33
C GLY A 170 7.55 22.91 0.42
N LEU A 171 6.67 22.16 -0.23
CA LEU A 171 5.45 21.72 0.42
C LEU A 171 5.77 20.75 1.55
N LYS A 172 5.20 20.98 2.74
CA LYS A 172 5.51 20.10 3.88
C LYS A 172 4.53 18.95 3.86
N ILE A 173 4.99 17.84 3.30
CA ILE A 173 4.11 16.73 2.97
C ILE A 173 4.52 15.48 3.72
N ARG A 174 3.57 14.88 4.41
CA ARG A 174 3.83 13.61 5.08
C ARG A 174 3.98 12.51 4.07
N VAL A 175 4.95 11.63 4.32
CA VAL A 175 5.07 10.36 3.64
C VAL A 175 5.15 9.25 4.67
N GLN A 176 4.96 8.02 4.20
CA GLN A 176 5.23 6.83 4.99
C GLN A 176 6.69 6.77 5.42
N GLN A 177 6.94 5.85 6.35
N GLN A 177 6.98 5.92 6.40
CA GLN A 177 8.23 5.62 6.94
CA GLN A 177 8.33 5.82 6.95
C GLN A 177 9.08 4.77 6.01
C GLN A 177 9.21 4.89 6.12
N SER A 178 9.62 5.42 4.98
CA SER A 178 10.39 4.74 3.97
C SER A 178 11.37 5.74 3.35
N ASP A 179 12.63 5.35 3.24
CA ASP A 179 13.63 6.19 2.61
C ASP A 179 13.30 6.44 1.13
N LEU A 180 12.80 5.42 0.44
CA LEU A 180 12.39 5.59 -0.94
C LEU A 180 11.32 6.67 -1.03
N TRP A 181 10.33 6.61 -0.14
CA TRP A 181 9.29 7.63 -0.14
C TRP A 181 9.80 9.04 0.12
N VAL A 182 10.72 9.20 1.06
CA VAL A 182 11.32 10.49 1.27
C VAL A 182 11.97 11.00 -0.04
N ALA A 183 12.68 10.11 -0.74
CA ALA A 183 13.32 10.49 -1.99
C ALA A 183 12.31 10.81 -3.08
N LEU A 184 11.26 10.01 -3.17
CA LEU A 184 10.24 10.15 -4.20
C LEU A 184 9.62 11.56 -4.17
N VAL A 185 9.21 11.96 -2.98
N VAL A 185 9.17 12.01 -3.00
CA VAL A 185 8.55 13.24 -2.84
CA VAL A 185 8.57 13.36 -2.93
C VAL A 185 9.57 14.39 -2.82
C VAL A 185 9.63 14.44 -2.89
N SER A 186 10.79 14.14 -2.34
CA SER A 186 11.86 15.14 -2.38
C SER A 186 12.21 15.51 -3.83
N ALA A 187 12.08 14.55 -4.74
CA ALA A 187 12.38 14.81 -6.16
C ALA A 187 11.43 15.85 -6.73
N MET A 188 10.26 15.98 -6.13
CA MET A 188 9.30 17.02 -6.53
C MET A 188 9.65 18.38 -5.94
N GLY A 189 10.70 18.45 -5.14
CA GLY A 189 11.08 19.67 -4.47
C GLY A 189 10.40 19.84 -3.13
N ALA A 190 9.58 18.87 -2.74
CA ALA A 190 8.80 18.98 -1.51
C ALA A 190 9.64 18.63 -0.29
N ASN A 191 9.12 19.00 0.88
CA ASN A 191 9.74 18.77 2.16
C ASN A 191 9.09 17.54 2.79
N ALA A 192 9.63 16.37 2.46
CA ALA A 192 9.07 15.08 2.85
C ALA A 192 9.19 14.87 4.33
N THR A 193 8.11 14.42 4.94
CA THR A 193 8.04 14.33 6.38
C THR A 193 7.52 12.93 6.76
N PRO A 194 8.40 11.99 7.10
CA PRO A 194 7.92 10.64 7.39
C PRO A 194 7.19 10.56 8.73
N MET A 195 5.98 10.00 8.72
N MET A 195 6.05 9.87 8.74
CA MET A 195 5.14 9.86 9.91
CA MET A 195 5.18 9.83 9.91
C MET A 195 4.32 8.59 9.79
C MET A 195 4.24 8.64 9.81
N PRO A 196 3.97 7.98 10.94
CA PRO A 196 2.99 6.89 10.90
C PRO A 196 1.59 7.40 10.50
N TYR A 197 0.83 6.53 9.86
CA TYR A 197 -0.46 6.89 9.29
C TYR A 197 -1.40 7.50 10.31
N GLY A 198 -1.41 6.98 11.52
CA GLY A 198 -2.35 7.42 12.54
C GLY A 198 -2.14 8.86 12.99
N GLU A 199 -0.97 9.43 12.71
CA GLU A 199 -0.66 10.79 13.13
C GLU A 199 -1.03 11.85 12.09
N VAL A 200 -1.43 11.41 10.91
CA VAL A 200 -1.59 12.34 9.78
C VAL A 200 -2.79 13.27 9.97
N TYR A 201 -3.90 12.72 10.40
CA TYR A 201 -5.11 13.52 10.58
C TYR A 201 -4.88 14.73 11.50
N THR A 202 -4.36 14.48 12.69
CA THR A 202 -4.11 15.58 13.61
C THR A 202 -3.05 16.52 13.06
N GLY A 203 -2.04 15.98 12.38
CA GLY A 203 -1.00 16.80 11.79
C GLY A 203 -1.55 17.80 10.79
N LEU A 204 -2.45 17.33 9.94
CA LEU A 204 -3.08 18.21 8.97
C LEU A 204 -3.99 19.23 9.64
N LYS A 205 -4.75 18.80 10.64
CA LYS A 205 -5.66 19.72 11.31
C LYS A 205 -4.92 20.89 11.94
N THR A 206 -3.78 20.60 12.58
CA THR A 206 -3.07 21.60 13.35
C THR A 206 -2.03 22.37 12.53
N GLY A 207 -1.82 21.96 11.29
CA GLY A 207 -0.82 22.61 10.45
C GLY A 207 0.60 22.17 10.73
N LEU A 208 0.78 21.10 11.51
CA LEU A 208 2.11 20.53 11.70
C LEU A 208 2.68 20.08 10.37
N ILE A 209 1.81 19.57 9.51
CA ILE A 209 2.13 19.27 8.11
C ILE A 209 1.10 20.00 7.23
N ASP A 210 1.43 20.23 5.98
N ASP A 210 1.53 20.30 6.00
CA ASP A 210 0.50 20.96 5.14
CA ASP A 210 0.73 21.02 4.98
C ASP A 210 -0.16 20.09 4.09
C ASP A 210 -0.19 20.08 4.18
N ALA A 211 0.27 18.84 4.01
CA ALA A 211 -0.22 17.94 2.97
C ALA A 211 0.15 16.51 3.29
N ALA A 212 -0.49 15.59 2.59
CA ALA A 212 -0.08 14.20 2.60
C ALA A 212 -0.43 13.65 1.23
N GLU A 213 -0.34 12.33 1.05
CA GLU A 213 -0.62 11.76 -0.24
C GLU A 213 -1.14 10.35 -0.05
N ASN A 214 -2.13 9.97 -0.84
CA ASN A 214 -2.77 8.67 -0.69
C ASN A 214 -3.85 8.50 -1.73
N ASN A 215 -4.45 7.33 -1.73
CA ASN A 215 -5.63 7.08 -2.52
C ASN A 215 -6.84 7.78 -1.91
N ILE A 216 -7.95 7.81 -2.64
N ILE A 216 -7.97 7.67 -2.60
CA ILE A 216 -9.12 8.55 -2.19
CA ILE A 216 -9.15 8.46 -2.29
C ILE A 216 -9.80 7.85 -1.00
C ILE A 216 -9.82 7.86 -1.06
N PRO A 217 -9.91 6.52 -1.01
CA PRO A 217 -10.50 5.90 0.19
C PRO A 217 -9.76 6.21 1.49
N SER A 218 -8.44 6.36 1.44
CA SER A 218 -7.70 6.72 2.64
C SER A 218 -7.93 8.19 3.01
N PHE A 219 -7.85 9.06 2.02
CA PHE A 219 -8.15 10.49 2.19
C PHE A 219 -9.50 10.68 2.88
N ASP A 220 -10.48 9.89 2.43
CA ASP A 220 -11.83 9.89 2.98
C ASP A 220 -11.89 9.28 4.38
N THR A 221 -11.58 7.99 4.46
CA THR A 221 -11.86 7.25 5.69
C THR A 221 -10.98 7.64 6.87
N ALA A 222 -9.78 8.14 6.62
CA ALA A 222 -8.93 8.64 7.70
C ALA A 222 -9.27 10.09 8.06
N LYS A 223 -10.24 10.65 7.34
CA LYS A 223 -10.79 11.99 7.62
C LYS A 223 -9.83 13.11 7.24
N HIS A 224 -8.83 12.80 6.43
CA HIS A 224 -7.89 13.82 6.01
C HIS A 224 -8.60 14.93 5.23
N VAL A 225 -9.65 14.55 4.49
CA VAL A 225 -10.46 15.49 3.74
C VAL A 225 -11.07 16.57 4.63
N GLU A 226 -11.26 16.28 5.91
CA GLU A 226 -11.77 17.31 6.81
C GLU A 226 -10.82 18.47 6.98
N ALA A 227 -9.52 18.20 6.87
CA ALA A 227 -8.50 19.22 7.09
C ALA A 227 -8.03 19.89 5.82
N VAL A 228 -7.93 19.14 4.75
CA VAL A 228 -7.47 19.71 3.50
C VAL A 228 -8.34 19.21 2.37
N LYS A 229 -8.70 20.11 1.46
CA LYS A 229 -9.73 19.82 0.49
C LYS A 229 -9.25 19.63 -0.93
N VAL A 230 -7.99 19.96 -1.24
CA VAL A 230 -7.58 19.95 -2.64
C VAL A 230 -6.79 18.67 -2.93
N TYR A 231 -7.37 17.83 -3.79
CA TYR A 231 -6.80 16.53 -4.12
C TYR A 231 -6.29 16.62 -5.56
N SER A 232 -4.96 16.73 -5.69
CA SER A 232 -4.31 16.92 -6.99
C SER A 232 -3.83 15.58 -7.50
N LYS A 233 -4.37 15.16 -8.65
CA LYS A 233 -4.22 13.78 -9.14
C LYS A 233 -2.84 13.51 -9.80
N THR A 234 -1.82 13.60 -8.98
CA THR A 234 -0.47 13.30 -9.39
C THR A 234 -0.27 11.81 -9.69
N GLU A 235 -0.99 10.95 -8.99
CA GLU A 235 -0.95 9.51 -9.24
C GLU A 235 0.50 9.01 -9.33
N HIS A 236 1.27 9.41 -8.34
CA HIS A 236 2.73 9.27 -8.39
C HIS A 236 3.23 7.92 -7.88
N SER A 237 2.34 7.06 -7.38
CA SER A 237 2.71 5.68 -7.05
C SER A 237 1.45 4.85 -7.06
N MET A 238 1.60 3.56 -7.34
CA MET A 238 0.52 2.59 -7.17
C MET A 238 0.93 1.52 -6.15
N ALA A 239 1.85 1.86 -5.26
CA ALA A 239 2.30 0.98 -4.17
C ALA A 239 1.14 0.15 -3.61
N PRO A 240 1.21 -1.18 -3.79
CA PRO A 240 0.09 -2.01 -3.34
C PRO A 240 0.21 -2.39 -1.88
N GLU A 241 -0.85 -3.00 -1.37
CA GLU A 241 -0.75 -3.64 -0.06
C GLU A 241 -0.11 -5.01 -0.21
N ILE A 242 0.52 -5.46 0.87
CA ILE A 242 1.06 -6.80 0.95
C ILE A 242 0.57 -7.45 2.24
N LEU A 243 0.12 -8.70 2.11
CA LEU A 243 -0.24 -9.54 3.25
C LEU A 243 0.92 -10.47 3.51
N VAL A 244 1.46 -10.43 4.72
CA VAL A 244 2.54 -11.33 5.12
C VAL A 244 2.15 -12.17 6.32
N MET A 245 2.71 -13.37 6.37
CA MET A 245 2.61 -14.25 7.54
C MET A 245 3.99 -14.37 8.19
N SER A 246 4.02 -14.58 9.49
CA SER A 246 5.27 -14.86 10.16
C SER A 246 5.88 -16.18 9.69
N LYS A 247 7.12 -16.14 9.22
CA LYS A 247 7.82 -17.38 8.87
C LYS A 247 7.92 -18.34 10.04
N ILE A 248 8.16 -17.82 11.24
CA ILE A 248 8.28 -18.68 12.43
C ILE A 248 7.04 -19.54 12.60
N ILE A 249 5.88 -18.92 12.45
CA ILE A 249 4.60 -19.59 12.62
C ILE A 249 4.34 -20.54 11.43
N TYR A 250 4.54 -20.04 10.22
CA TYR A 250 4.26 -20.80 9.01
C TYR A 250 5.08 -22.08 8.99
N ASP A 251 6.34 -22.00 9.40
CA ASP A 251 7.24 -23.14 9.25
C ASP A 251 6.88 -24.31 10.14
N LYS A 252 6.11 -24.05 11.20
CA LYS A 252 5.68 -25.11 12.10
C LYS A 252 4.42 -25.83 11.64
N LEU A 253 3.75 -25.31 10.63
CA LEU A 253 2.53 -25.94 10.14
C LEU A 253 2.86 -27.03 9.14
N PRO A 254 2.05 -28.08 9.08
CA PRO A 254 2.20 -29.09 8.03
C PRO A 254 2.11 -28.48 6.64
N LYS A 255 2.81 -29.07 5.69
CA LYS A 255 2.85 -28.58 4.32
C LYS A 255 1.46 -28.40 3.73
N ALA A 256 0.57 -29.34 3.98
CA ALA A 256 -0.78 -29.25 3.44
C ALA A 256 -1.51 -28.02 3.94
N GLU A 257 -1.23 -27.62 5.18
CA GLU A 257 -1.89 -26.46 5.77
C GLU A 257 -1.25 -25.16 5.31
N GLN A 258 0.08 -25.18 5.14
CA GLN A 258 0.75 -24.08 4.47
C GLN A 258 0.11 -23.80 3.12
N ASP A 259 -0.18 -24.85 2.37
CA ASP A 259 -0.78 -24.71 1.05
C ASP A 259 -2.17 -24.11 1.13
N MET A 260 -2.95 -24.52 2.14
CA MET A 260 -4.29 -23.95 2.31
C MET A 260 -4.22 -22.44 2.54
N ILE A 261 -3.28 -22.01 3.37
CA ILE A 261 -3.12 -20.59 3.67
C ILE A 261 -2.75 -19.83 2.40
N ARG A 262 -1.79 -20.35 1.64
CA ARG A 262 -1.39 -19.67 0.42
C ARG A 262 -2.54 -19.56 -0.56
N ALA A 263 -3.34 -20.62 -0.68
CA ALA A 263 -4.48 -20.61 -1.63
C ALA A 263 -5.54 -19.63 -1.17
N ALA A 264 -5.87 -19.65 0.11
CA ALA A 264 -6.87 -18.73 0.64
C ALA A 264 -6.45 -17.28 0.42
N ALA A 265 -5.18 -16.98 0.64
CA ALA A 265 -4.69 -15.62 0.41
C ALA A 265 -4.82 -15.23 -1.06
N LYS A 266 -4.34 -16.09 -1.95
CA LYS A 266 -4.36 -15.81 -3.35
C LYS A 266 -5.79 -15.60 -3.84
N GLU A 267 -6.69 -16.46 -3.39
CA GLU A 267 -8.08 -16.42 -3.84
C GLU A 267 -8.81 -15.21 -3.27
N SER A 268 -8.30 -14.62 -2.21
CA SER A 268 -8.92 -13.43 -1.64
C SER A 268 -8.64 -12.15 -2.44
N VAL A 269 -7.65 -12.18 -3.34
CA VAL A 269 -7.30 -10.97 -4.09
C VAL A 269 -8.46 -10.50 -4.98
N ALA A 270 -9.12 -11.41 -5.68
CA ALA A 270 -10.21 -11.01 -6.56
C ALA A 270 -11.33 -10.38 -5.73
N PHE A 271 -11.59 -10.91 -4.55
CA PHE A 271 -12.58 -10.33 -3.65
C PHE A 271 -12.18 -8.91 -3.22
N GLU A 272 -10.93 -8.75 -2.81
CA GLU A 272 -10.45 -7.44 -2.41
C GLU A 272 -10.60 -6.42 -3.53
N ARG A 273 -10.33 -6.84 -4.76
CA ARG A 273 -10.37 -5.89 -5.87
C ARG A 273 -11.79 -5.44 -6.16
N GLN A 274 -12.77 -6.34 -6.04
CA GLN A 274 -14.15 -5.95 -6.26
C GLN A 274 -14.56 -4.95 -5.15
N LYS A 275 -14.18 -5.26 -3.91
N LYS A 275 -14.20 -5.24 -3.91
CA LYS A 275 -14.49 -4.37 -2.80
CA LYS A 275 -14.53 -4.32 -2.83
C LYS A 275 -13.78 -3.03 -2.96
C LYS A 275 -13.79 -3.00 -3.00
N TRP A 276 -12.55 -3.07 -3.46
CA TRP A 276 -11.75 -1.87 -3.67
C TRP A 276 -12.40 -0.98 -4.72
N ASP A 277 -12.84 -1.57 -5.83
CA ASP A 277 -13.51 -0.78 -6.87
C ASP A 277 -14.73 -0.05 -6.28
N GLU A 278 -15.52 -0.77 -5.48
N GLU A 278 -15.49 -0.75 -5.46
CA GLU A 278 -16.70 -0.16 -4.86
CA GLU A 278 -16.68 -0.19 -4.86
C GLU A 278 -16.29 0.97 -3.92
C GLU A 278 -16.35 0.93 -3.86
N GLN A 279 -15.28 0.75 -3.10
CA GLN A 279 -14.82 1.76 -2.16
C GLN A 279 -14.28 2.99 -2.86
N GLU A 280 -13.56 2.80 -3.97
CA GLU A 280 -13.11 3.94 -4.77
C GLU A 280 -14.29 4.84 -5.11
N ALA A 281 -15.38 4.22 -5.55
CA ALA A 281 -16.54 5.01 -5.95
C ALA A 281 -17.23 5.66 -4.76
N LYS A 282 -17.38 4.91 -3.67
CA LYS A 282 -18.05 5.43 -2.49
C LYS A 282 -17.29 6.61 -1.91
N SER A 283 -15.97 6.46 -1.77
CA SER A 283 -15.16 7.49 -1.18
C SER A 283 -15.05 8.71 -2.08
N LEU A 284 -15.02 8.52 -3.40
CA LEU A 284 -15.03 9.66 -4.31
C LEU A 284 -16.31 10.49 -4.10
N ALA A 285 -17.44 9.79 -4.02
CA ALA A 285 -18.71 10.46 -3.76
C ALA A 285 -18.68 11.20 -2.43
N ASN A 286 -18.16 10.54 -1.40
CA ASN A 286 -18.09 11.16 -0.08
C ASN A 286 -17.28 12.45 -0.12
N VAL A 287 -16.08 12.39 -0.69
CA VAL A 287 -15.22 13.56 -0.62
C VAL A 287 -15.74 14.67 -1.54
N LYS A 288 -16.30 14.32 -2.69
CA LYS A 288 -16.91 15.35 -3.54
C LYS A 288 -18.05 16.02 -2.79
N ALA A 289 -18.90 15.24 -2.12
CA ALA A 289 -20.02 15.83 -1.39
C ALA A 289 -19.54 16.70 -0.24
N ALA A 290 -18.38 16.39 0.32
CA ALA A 290 -17.82 17.13 1.43
C ALA A 290 -17.11 18.40 0.97
N GLY A 291 -17.03 18.64 -0.34
CA GLY A 291 -16.42 19.85 -0.84
C GLY A 291 -15.00 19.71 -1.34
N ALA A 292 -14.48 18.49 -1.47
CA ALA A 292 -13.14 18.33 -1.98
C ALA A 292 -13.07 18.81 -3.42
N GLU A 293 -11.95 19.44 -3.73
CA GLU A 293 -11.66 19.91 -5.06
C GLU A 293 -10.69 18.92 -5.69
N ILE A 294 -11.16 18.14 -6.65
CA ILE A 294 -10.35 17.16 -7.35
C ILE A 294 -9.78 17.79 -8.61
N VAL A 295 -8.46 17.87 -8.68
CA VAL A 295 -7.76 18.62 -9.73
C VAL A 295 -6.94 17.70 -10.62
N GLU A 296 -7.08 17.85 -11.93
CA GLU A 296 -6.19 17.18 -12.89
C GLU A 296 -4.87 17.95 -12.96
N VAL A 297 -3.78 17.22 -13.14
CA VAL A 297 -2.46 17.84 -13.15
C VAL A 297 -1.64 17.43 -14.37
N ASP A 298 -0.52 18.12 -14.58
CA ASP A 298 0.44 17.74 -15.61
C ASP A 298 1.27 16.60 -15.05
N LYS A 299 0.80 15.35 -15.21
CA LYS A 299 1.49 14.23 -14.61
C LYS A 299 2.90 14.09 -15.15
N LYS A 300 3.13 14.43 -16.41
CA LYS A 300 4.47 14.36 -16.96
C LYS A 300 5.45 15.28 -16.21
N SER A 301 4.97 16.38 -15.67
CA SER A 301 5.81 17.29 -14.89
C SER A 301 6.44 16.53 -13.72
N PHE A 302 5.63 15.71 -13.07
CA PHE A 302 6.06 14.93 -11.91
C PHE A 302 6.88 13.73 -12.35
N GLN A 303 6.46 13.07 -13.42
N GLN A 303 6.48 13.05 -13.42
CA GLN A 303 7.20 11.93 -13.96
CA GLN A 303 7.25 11.89 -13.87
C GLN A 303 8.61 12.33 -14.33
C GLN A 303 8.65 12.33 -14.34
N ALA A 304 8.75 13.54 -14.88
CA ALA A 304 10.01 14.01 -15.43
C ALA A 304 11.12 14.17 -14.40
N VAL A 305 10.78 14.21 -13.10
CA VAL A 305 11.80 14.36 -12.07
C VAL A 305 12.22 13.04 -11.42
N MET A 306 11.66 11.93 -11.88
CA MET A 306 11.86 10.67 -11.15
C MET A 306 13.03 9.80 -11.59
N GLY A 307 13.71 10.14 -12.67
CA GLY A 307 14.83 9.32 -13.12
C GLY A 307 15.85 9.09 -12.03
N PRO A 308 16.25 10.13 -11.30
CA PRO A 308 17.23 9.91 -10.25
C PRO A 308 16.75 9.02 -9.10
N VAL A 309 15.44 8.91 -8.90
CA VAL A 309 14.92 8.01 -7.87
C VAL A 309 15.18 6.55 -8.28
N TYR A 310 14.95 6.22 -9.54
CA TYR A 310 15.34 4.91 -10.06
C TYR A 310 16.86 4.70 -9.93
N ASP A 311 17.65 5.70 -10.27
CA ASP A 311 19.09 5.58 -10.16
C ASP A 311 19.54 5.28 -8.73
N LYS A 312 18.89 5.92 -7.76
CA LYS A 312 19.34 5.82 -6.38
C LYS A 312 18.78 4.64 -5.61
N PHE A 313 17.68 4.07 -6.09
CA PHE A 313 17.02 2.95 -5.37
C PHE A 313 16.99 1.62 -6.12
N MET A 314 16.85 1.65 -7.44
CA MET A 314 16.77 0.40 -8.19
C MET A 314 18.18 0.00 -8.60
N THR A 315 18.95 -0.47 -7.63
CA THR A 315 20.40 -0.53 -7.76
C THR A 315 20.96 -1.94 -7.84
N THR A 316 20.14 -2.97 -7.67
CA THR A 316 20.60 -4.34 -7.74
C THR A 316 20.14 -5.04 -9.01
N PRO A 317 20.78 -6.17 -9.34
CA PRO A 317 20.35 -6.91 -10.53
C PRO A 317 18.87 -7.33 -10.45
N ASP A 318 18.43 -7.82 -9.31
CA ASP A 318 17.05 -8.25 -9.16
C ASP A 318 16.11 -7.07 -9.38
N MET A 319 16.43 -5.94 -8.76
CA MET A 319 15.55 -4.77 -8.91
C MET A 319 15.46 -4.31 -10.37
N LYS A 320 16.60 -4.23 -11.03
CA LYS A 320 16.60 -3.77 -12.42
C LYS A 320 15.83 -4.73 -13.33
N ARG A 321 16.01 -6.03 -13.09
CA ARG A 321 15.35 -7.06 -13.88
C ARG A 321 13.83 -6.99 -13.69
N LEU A 322 13.38 -6.75 -12.46
CA LEU A 322 11.95 -6.74 -12.18
C LEU A 322 11.31 -5.45 -12.71
N VAL A 323 11.98 -4.31 -12.61
CA VAL A 323 11.46 -3.10 -13.24
C VAL A 323 11.28 -3.30 -14.74
N LYS A 324 12.31 -3.86 -15.37
CA LYS A 324 12.25 -4.18 -16.79
C LYS A 324 11.12 -5.16 -17.11
N ALA A 325 10.98 -6.21 -16.33
CA ALA A 325 9.91 -7.17 -16.58
C ALA A 325 8.55 -6.49 -16.49
N VAL A 326 8.35 -5.61 -15.52
CA VAL A 326 7.10 -4.89 -15.43
C VAL A 326 6.86 -4.09 -16.69
N GLN A 327 7.84 -3.29 -17.10
CA GLN A 327 7.60 -2.39 -18.23
C GLN A 327 7.71 -3.07 -19.59
N ASP A 328 8.14 -4.33 -19.60
CA ASP A 328 8.05 -5.16 -20.80
C ASP A 328 6.69 -5.86 -20.93
N THR A 329 5.83 -5.72 -19.92
CA THR A 329 4.57 -6.44 -19.89
C THR A 329 3.61 -5.86 -20.92
N LYS A 330 2.95 -6.75 -21.64
CA LYS A 330 2.04 -6.38 -22.72
C LYS A 330 0.64 -6.17 -22.19
N ALA A 331 -0.05 -5.16 -22.71
CA ALA A 331 -1.45 -4.93 -22.34
C ALA A 331 -2.34 -6.02 -22.95
N GLU A 332 -3.49 -6.26 -22.32
CA GLU A 332 -4.45 -7.24 -22.83
C GLU A 332 -5.40 -6.58 -23.82
CL CL B . -12.63 -10.98 12.42
C1 EDO C . -7.49 7.18 -6.31
O1 EDO C . -7.96 6.58 -5.12
C2 EDO C . -7.65 6.31 -7.53
O2 EDO C . -6.91 5.10 -7.33
H11 EDO C . -6.44 7.44 -6.19
H12 EDO C . -8.03 8.11 -6.46
HO1 EDO C . -7.83 7.18 -4.38
H21 EDO C . -7.27 6.83 -8.42
H22 EDO C . -8.71 6.08 -7.69
HO2 EDO C . -7.00 4.53 -8.11
CL CL D . -0.35 2.58 11.11
CL CL E . 1.24 10.52 2.81
C1 GTR F . -2.88 3.40 2.77
C2 GTR F . -2.65 1.97 3.11
C3 GTR F . -2.42 1.87 4.60
C4 GTR F . -1.19 2.71 5.07
C5 GTR F . -1.48 4.17 4.54
C6 GTR F . -0.30 5.11 4.85
O1 GTR F . -2.99 3.51 1.35
O2 GTR F . -3.88 1.25 2.78
O3 GTR F . -2.19 0.46 4.87
O4 GTR F . 0.00 2.24 4.42
O5 GTR F . -1.76 4.22 3.12
O6A GTR F . 0.39 4.91 5.85
O6B GTR F . -0.17 6.06 4.04
C1 ADA G . -2.85 3.38 2.72
C2 ADA G . -2.67 1.96 3.11
C3 ADA G . -2.46 1.90 4.60
C4 ADA G . -1.20 2.73 5.02
C5 ADA G . -1.46 4.17 4.49
C6 ADA G . -0.27 5.09 4.80
O1 ADA G . -3.98 3.90 3.43
O2 ADA G . -3.91 1.26 2.79
O3 ADA G . -2.26 0.49 4.93
O4 ADA G . -0.02 2.21 4.39
O5 ADA G . -1.70 4.19 3.07
O6B ADA G . 0.41 4.88 5.83
O6A ADA G . -0.11 6.04 4.00
#